data_6LIK
#
_entry.id   6LIK
#
_cell.length_a   152.507
_cell.length_b   152.507
_cell.length_c   146.062
_cell.angle_alpha   90.000
_cell.angle_beta   90.000
_cell.angle_gamma   120.000
#
_symmetry.space_group_name_H-M   'P 61 2 2'
#
loop_
_entity.id
_entity.type
_entity.pdbx_description
1 polymer Lectin
2 branched 2-acetamido-2-deoxy-beta-D-glucopyranose-(1-4)-2-acetamido-2-deoxy-beta-D-glucopyranose
3 non-polymer 'CALCIUM ION'
4 non-polymer GLYCEROL
5 non-polymer alpha-D-galactopyranose
6 water water
#
_entity_poly.entity_id   1
_entity_poly.type   'polypeptide(L)'
_entity_poly.pdbx_seq_one_letter_code
;MVLLVIGLPLVSLVVALVAAAAPDSQVCDVDSTATCKITATPSQFQPALLNASKWIWTGENPIPGGSNIISTRPFRKNIT
APCGKCSVCATIVVASDDAHTFYVNGVRIGTGAGFRQGQALFVALQPTWNLFAIAGQNLVANSPAGIMASILVHFSDGTS
ETFVTDESWKTLRAAPPENFQLPSTNDSNWPSAAVQGAYQNSVWGPPVLPPVLPLRGSNWIWTSDNVNGAAPVGSRAFRK
TVNQCTKVAVCATVLIAADDRYTLYVNGATVGSGSSYTVADAYTIPNLHPTFNTFAINATNGGGPAGVIATILITYSDGS
NETVVTDASWKAIQTIPQGFQPPLIDEFGWESAKIIGAFGVAPWGAGMVIPSA
;
_entity_poly.pdbx_strand_id   A
#
# COMPACT_ATOMS: atom_id res chain seq x y z
N LYS A 37 10.83 17.58 -9.27
CA LYS A 37 10.54 18.49 -8.12
C LYS A 37 9.12 18.30 -7.56
N ILE A 38 8.98 18.06 -6.23
CA ILE A 38 7.74 17.51 -5.64
C ILE A 38 7.03 18.61 -4.85
N THR A 39 5.92 19.13 -5.35
CA THR A 39 5.06 20.09 -4.61
C THR A 39 3.88 19.40 -3.92
N ALA A 40 3.55 18.15 -4.24
CA ALA A 40 2.54 17.37 -3.48
C ALA A 40 2.92 17.35 -1.99
N THR A 41 1.92 17.48 -1.13
CA THR A 41 2.07 17.41 0.34
C THR A 41 1.22 16.26 0.90
N PRO A 42 1.39 15.89 2.18
CA PRO A 42 0.60 14.81 2.76
C PRO A 42 -0.90 15.10 2.61
N SER A 43 -1.68 14.03 2.42
CA SER A 43 -3.12 14.07 2.08
C SER A 43 -3.82 12.80 2.59
N GLN A 44 -5.15 12.85 2.68
CA GLN A 44 -5.98 11.65 2.88
C GLN A 44 -5.61 10.63 1.81
N PHE A 45 -5.44 9.36 2.15
CA PHE A 45 -5.14 8.29 1.18
C PHE A 45 -6.26 8.23 0.12
N GLN A 46 -5.90 8.20 -1.15
CA GLN A 46 -6.87 8.06 -2.28
C GLN A 46 -6.82 6.60 -2.73
N PRO A 47 -7.95 5.85 -2.57
CA PRO A 47 -8.01 4.45 -2.97
C PRO A 47 -7.93 4.27 -4.49
N ALA A 48 -7.07 3.38 -4.96
CA ALA A 48 -7.13 2.75 -6.31
C ALA A 48 -8.37 1.85 -6.38
N LEU A 49 -9.17 2.04 -7.44
CA LEU A 49 -10.42 1.28 -7.68
C LEU A 49 -10.25 0.38 -8.91
N LEU A 50 -10.93 -0.76 -8.93
CA LEU A 50 -10.98 -1.69 -10.07
C LEU A 50 -12.11 -1.36 -11.06
N ASN A 51 -12.95 -0.36 -10.80
CA ASN A 51 -14.18 -0.03 -11.59
C ASN A 51 -13.91 0.12 -13.10
N ALA A 52 -12.80 0.73 -13.51
CA ALA A 52 -12.52 0.99 -14.96
C ALA A 52 -11.61 -0.11 -15.48
N SER A 53 -11.22 -1.09 -14.68
CA SER A 53 -10.22 -2.10 -15.07
C SER A 53 -10.87 -3.26 -15.84
N LYS A 54 -10.06 -3.99 -16.62
CA LYS A 54 -10.47 -5.16 -17.41
C LYS A 54 -9.63 -6.38 -17.05
N TRP A 55 -10.29 -7.54 -17.09
CA TRP A 55 -9.70 -8.91 -17.05
C TRP A 55 -9.02 -9.16 -18.38
N ILE A 56 -7.76 -9.58 -18.37
CA ILE A 56 -7.06 -9.93 -19.64
C ILE A 56 -6.49 -11.34 -19.55
N TRP A 57 -6.36 -11.97 -20.71
CA TRP A 57 -5.65 -13.24 -20.87
C TRP A 57 -5.14 -13.21 -22.31
N THR A 58 -4.79 -14.36 -22.88
CA THR A 58 -4.11 -14.48 -24.20
C THR A 58 -5.09 -14.55 -25.37
N GLY A 59 -6.31 -15.03 -25.19
CA GLY A 59 -7.23 -15.26 -26.34
C GLY A 59 -6.99 -16.61 -27.02
N GLU A 60 -6.10 -17.45 -26.49
CA GLU A 60 -6.02 -18.87 -26.92
C GLU A 60 -7.42 -19.48 -26.98
N ASN A 61 -8.31 -19.15 -26.07
CA ASN A 61 -9.76 -19.47 -26.25
C ASN A 61 -10.40 -18.15 -26.68
N PRO A 62 -10.97 -18.02 -27.89
CA PRO A 62 -11.57 -16.74 -28.30
C PRO A 62 -12.85 -16.39 -27.55
N ILE A 63 -13.37 -17.28 -26.69
CA ILE A 63 -14.53 -17.03 -25.78
C ILE A 63 -14.01 -16.42 -24.48
N PRO A 64 -14.39 -15.15 -24.17
CA PRO A 64 -13.96 -14.47 -22.96
C PRO A 64 -14.63 -15.16 -21.76
N GLY A 65 -13.85 -15.46 -20.72
CA GLY A 65 -14.34 -16.25 -19.57
C GLY A 65 -14.49 -17.73 -19.90
N GLY A 66 -13.93 -18.14 -21.02
CA GLY A 66 -14.05 -19.53 -21.48
C GLY A 66 -13.00 -20.40 -20.85
N SER A 67 -13.07 -21.69 -21.13
CA SER A 67 -12.13 -22.68 -20.58
C SER A 67 -10.76 -22.53 -21.25
N ASN A 68 -9.73 -22.52 -20.42
CA ASN A 68 -8.31 -22.39 -20.79
C ASN A 68 -7.56 -23.55 -20.14
N ILE A 69 -6.42 -23.87 -20.73
CA ILE A 69 -5.49 -24.94 -20.27
C ILE A 69 -4.70 -24.43 -19.06
N ILE A 70 -4.15 -25.34 -18.27
CA ILE A 70 -3.11 -25.02 -17.24
C ILE A 70 -1.92 -24.43 -17.99
N SER A 71 -1.44 -23.28 -17.57
CA SER A 71 -0.48 -22.47 -18.33
C SER A 71 -0.04 -21.27 -17.51
N THR A 72 1.11 -20.72 -17.89
CA THR A 72 1.65 -19.46 -17.35
C THR A 72 1.79 -18.53 -18.54
N ARG A 73 1.41 -17.26 -18.41
CA ARG A 73 1.37 -16.33 -19.55
C ARG A 73 1.86 -14.97 -19.09
N PRO A 74 2.66 -14.32 -19.94
CA PRO A 74 3.18 -12.99 -19.66
C PRO A 74 2.26 -11.85 -20.13
N PHE A 75 2.33 -10.72 -19.43
CA PHE A 75 1.62 -9.47 -19.78
C PHE A 75 2.54 -8.30 -19.46
N ARG A 76 2.66 -7.34 -20.38
CA ARG A 76 3.53 -6.16 -20.21
C ARG A 76 2.80 -4.92 -20.70
N LYS A 77 3.12 -3.79 -20.09
CA LYS A 77 2.63 -2.48 -20.49
C LYS A 77 3.69 -1.47 -20.06
N ASN A 78 4.19 -0.73 -21.02
CA ASN A 78 5.01 0.48 -20.80
C ASN A 78 4.05 1.66 -20.62
N ILE A 79 4.06 2.33 -19.48
CA ILE A 79 3.25 3.56 -19.20
C ILE A 79 4.20 4.74 -19.09
N THR A 80 3.93 5.83 -19.80
CA THR A 80 4.76 7.06 -19.85
C THR A 80 4.01 8.16 -19.08
N ALA A 81 4.69 9.03 -18.34
CA ALA A 81 4.09 10.18 -17.62
C ALA A 81 3.57 11.17 -18.66
N PRO A 82 2.38 11.77 -18.46
CA PRO A 82 1.96 12.91 -19.27
C PRO A 82 2.96 14.10 -19.30
N CYS A 83 2.67 15.08 -20.18
CA CYS A 83 3.02 16.54 -20.09
C CYS A 83 4.46 16.74 -19.61
N GLY A 84 4.65 17.63 -18.63
CA GLY A 84 5.83 17.71 -17.75
C GLY A 84 5.36 17.52 -16.31
N LYS A 85 4.77 16.37 -16.01
CA LYS A 85 4.64 15.83 -14.63
C LYS A 85 5.73 14.77 -14.53
N CYS A 86 6.23 14.48 -13.33
CA CYS A 86 6.99 13.26 -13.03
C CYS A 86 6.08 12.31 -12.25
N SER A 87 6.15 11.04 -12.57
CA SER A 87 5.59 9.99 -11.71
C SER A 87 6.55 9.69 -10.53
N VAL A 88 5.99 9.53 -9.33
CA VAL A 88 6.72 9.40 -8.04
C VAL A 88 6.52 7.98 -7.50
N CYS A 89 5.27 7.61 -7.23
CA CYS A 89 4.93 6.24 -6.78
C CYS A 89 3.49 5.85 -7.20
N ALA A 90 3.10 4.61 -6.91
CA ALA A 90 1.82 4.03 -7.34
C ALA A 90 1.24 3.21 -6.20
N THR A 91 -0.08 3.32 -6.02
CA THR A 91 -0.92 2.31 -5.34
C THR A 91 -1.41 1.31 -6.38
N ILE A 92 -1.21 0.02 -6.16
CA ILE A 92 -1.65 -1.05 -7.10
C ILE A 92 -2.65 -2.00 -6.44
N VAL A 93 -3.74 -2.30 -7.15
CA VAL A 93 -4.65 -3.42 -6.79
C VAL A 93 -4.70 -4.39 -7.95
N VAL A 94 -4.49 -5.67 -7.66
CA VAL A 94 -4.34 -6.75 -8.67
C VAL A 94 -5.13 -7.96 -8.19
N ALA A 95 -5.82 -8.65 -9.10
CA ALA A 95 -6.62 -9.86 -8.83
C ALA A 95 -6.34 -10.87 -9.95
N SER A 96 -6.42 -12.15 -9.65
CA SER A 96 -6.01 -13.17 -10.65
C SER A 96 -6.87 -14.42 -10.53
N ASP A 97 -7.16 -14.99 -11.68
CA ASP A 97 -7.65 -16.37 -11.80
C ASP A 97 -6.58 -17.12 -12.57
N ASP A 98 -5.70 -17.89 -11.91
CA ASP A 98 -5.73 -18.27 -10.50
C ASP A 98 -4.65 -17.54 -9.70
N ALA A 99 -3.52 -17.16 -10.30
CA ALA A 99 -2.40 -16.58 -9.52
C ALA A 99 -1.55 -15.63 -10.37
N HIS A 100 -0.75 -14.78 -9.71
CA HIS A 100 0.04 -13.74 -10.41
C HIS A 100 1.37 -13.47 -9.70
N THR A 101 2.34 -13.03 -10.47
CA THR A 101 3.56 -12.37 -9.96
C THR A 101 3.62 -11.01 -10.65
N PHE A 102 3.83 -9.95 -9.87
CA PHE A 102 3.81 -8.55 -10.34
C PHE A 102 5.22 -7.95 -10.28
N TYR A 103 5.67 -7.39 -11.40
CA TYR A 103 7.00 -6.77 -11.57
C TYR A 103 6.82 -5.34 -12.04
N VAL A 104 7.69 -4.46 -11.54
CA VAL A 104 7.82 -3.06 -12.00
C VAL A 104 9.29 -2.79 -12.35
N ASN A 105 9.56 -2.47 -13.62
CA ASN A 105 10.91 -2.07 -14.11
C ASN A 105 11.88 -3.22 -13.77
N GLY A 106 11.39 -4.45 -13.85
CA GLY A 106 12.21 -5.68 -13.74
C GLY A 106 12.27 -6.25 -12.34
N VAL A 107 11.75 -5.54 -11.33
CA VAL A 107 11.77 -5.93 -9.88
C VAL A 107 10.43 -6.61 -9.48
N ARG A 108 10.48 -7.82 -8.92
CA ARG A 108 9.33 -8.59 -8.35
C ARG A 108 8.84 -7.81 -7.14
N ILE A 109 7.64 -7.24 -7.16
CA ILE A 109 7.18 -6.45 -5.98
C ILE A 109 6.11 -7.24 -5.23
N GLY A 110 5.63 -8.38 -5.75
CA GLY A 110 4.56 -9.15 -5.10
C GLY A 110 4.09 -10.39 -5.85
N THR A 111 3.52 -11.33 -5.10
CA THR A 111 2.94 -12.63 -5.52
C THR A 111 1.59 -12.77 -4.82
N GLY A 112 0.58 -13.32 -5.50
CA GLY A 112 -0.77 -13.42 -4.94
C GLY A 112 -1.60 -14.37 -5.74
N ALA A 113 -2.87 -14.49 -5.40
CA ALA A 113 -3.80 -15.45 -6.01
C ALA A 113 -5.22 -15.03 -5.68
N GLY A 114 -6.13 -15.22 -6.61
CA GLY A 114 -7.57 -15.15 -6.33
C GLY A 114 -8.21 -13.88 -6.86
N PHE A 115 -9.49 -14.02 -7.19
CA PHE A 115 -10.33 -13.04 -7.90
C PHE A 115 -11.43 -12.48 -7.01
N ARG A 116 -11.68 -13.05 -5.83
CA ARG A 116 -12.75 -12.60 -4.91
C ARG A 116 -12.31 -11.33 -4.19
N GLN A 117 -11.01 -11.20 -3.95
CA GLN A 117 -10.42 -10.03 -3.27
C GLN A 117 -9.06 -9.68 -3.90
N GLY A 118 -8.84 -8.40 -4.17
CA GLY A 118 -7.55 -7.94 -4.69
C GLY A 118 -6.47 -7.93 -3.63
N GLN A 119 -5.24 -7.90 -4.11
CA GLN A 119 -4.01 -7.65 -3.35
C GLN A 119 -3.56 -6.20 -3.57
N ALA A 120 -3.28 -5.48 -2.51
CA ALA A 120 -2.62 -4.15 -2.48
C ALA A 120 -1.11 -4.30 -2.59
N LEU A 121 -0.50 -3.52 -3.47
CA LEU A 121 0.98 -3.37 -3.61
C LEU A 121 1.30 -1.89 -3.74
N PHE A 122 2.45 -1.47 -3.23
CA PHE A 122 2.95 -0.08 -3.27
C PHE A 122 4.36 -0.10 -3.84
N VAL A 123 4.69 0.90 -4.66
CA VAL A 123 6.00 0.88 -5.35
C VAL A 123 6.40 2.30 -5.75
N ALA A 124 7.71 2.56 -5.71
CA ALA A 124 8.31 3.81 -6.24
C ALA A 124 8.45 3.65 -7.76
N LEU A 125 8.34 4.74 -8.49
CA LEU A 125 8.41 4.72 -9.97
C LEU A 125 9.60 5.56 -10.47
N GLN A 126 10.09 5.22 -11.67
CA GLN A 126 10.92 6.09 -12.55
C GLN A 126 10.07 7.29 -12.96
N PRO A 127 10.67 8.49 -13.20
CA PRO A 127 9.87 9.71 -13.40
C PRO A 127 9.08 9.87 -14.71
N THR A 128 9.50 9.25 -15.81
CA THR A 128 8.88 9.44 -17.15
C THR A 128 8.26 8.15 -17.71
N TRP A 129 8.88 7.00 -17.59
CA TRP A 129 8.21 5.76 -18.03
C TRP A 129 8.44 4.64 -17.01
N ASN A 130 7.49 3.69 -16.97
CA ASN A 130 7.50 2.53 -16.05
C ASN A 130 6.96 1.31 -16.81
N LEU A 131 7.73 0.23 -16.84
CA LEU A 131 7.36 -1.07 -17.40
C LEU A 131 6.73 -1.92 -16.28
N PHE A 132 5.40 -2.12 -16.35
CA PHE A 132 4.62 -3.11 -15.56
C PHE A 132 4.58 -4.43 -16.33
N ALA A 133 4.86 -5.52 -15.61
CA ALA A 133 4.86 -6.88 -16.16
C ALA A 133 4.20 -7.83 -15.14
N ILE A 134 3.37 -8.74 -15.64
CA ILE A 134 2.66 -9.70 -14.76
C ILE A 134 2.83 -11.07 -15.40
N ALA A 135 3.16 -12.06 -14.59
CA ALA A 135 3.09 -13.49 -14.97
C ALA A 135 1.80 -14.00 -14.35
N GLY A 136 0.84 -14.44 -15.17
CA GLY A 136 -0.40 -15.02 -14.67
C GLY A 136 -0.38 -16.51 -14.87
N GLN A 137 -1.05 -17.27 -14.02
CA GLN A 137 -1.12 -18.75 -14.10
C GLN A 137 -2.57 -19.16 -13.97
N ASN A 138 -3.03 -19.98 -14.92
CA ASN A 138 -4.23 -20.83 -14.79
C ASN A 138 -3.78 -22.18 -14.19
N LEU A 139 -4.42 -22.58 -13.09
CA LEU A 139 -4.01 -23.77 -12.27
C LEU A 139 -5.09 -24.83 -12.32
N VAL A 140 -6.27 -24.61 -12.91
CA VAL A 140 -7.32 -25.67 -13.00
C VAL A 140 -7.66 -25.90 -14.48
N ALA A 141 -7.52 -27.12 -14.96
CA ALA A 141 -7.87 -27.51 -16.34
C ALA A 141 -9.32 -27.08 -16.66
N ASN A 142 -9.56 -26.62 -17.90
CA ASN A 142 -10.91 -26.30 -18.41
C ASN A 142 -11.56 -25.14 -17.64
N SER A 143 -10.75 -24.28 -17.03
CA SER A 143 -11.28 -23.19 -16.18
C SER A 143 -10.95 -21.85 -16.82
N PRO A 144 -11.73 -20.81 -16.46
CA PRO A 144 -11.44 -19.46 -16.89
C PRO A 144 -10.05 -19.02 -16.38
N ALA A 145 -9.45 -18.05 -17.05
CA ALA A 145 -8.15 -17.46 -16.67
C ALA A 145 -8.15 -15.96 -16.93
N GLY A 146 -7.49 -15.20 -16.06
CA GLY A 146 -7.51 -13.74 -16.21
C GLY A 146 -6.74 -13.01 -15.14
N ILE A 147 -6.30 -11.81 -15.48
CA ILE A 147 -5.50 -10.89 -14.66
C ILE A 147 -6.24 -9.55 -14.69
N MET A 148 -6.43 -8.93 -13.55
CA MET A 148 -7.02 -7.57 -13.51
C MET A 148 -6.15 -6.71 -12.58
N ALA A 149 -5.83 -5.51 -13.00
CA ALA A 149 -5.07 -4.59 -12.13
C ALA A 149 -5.50 -3.16 -12.37
N SER A 150 -5.39 -2.37 -11.33
CA SER A 150 -5.51 -0.91 -11.38
C SER A 150 -4.22 -0.36 -10.76
N ILE A 151 -3.55 0.54 -11.47
CA ILE A 151 -2.29 1.24 -11.07
C ILE A 151 -2.63 2.73 -10.88
N LEU A 152 -2.77 3.19 -9.65
CA LEU A 152 -3.00 4.63 -9.41
C LEU A 152 -1.60 5.29 -9.24
N VAL A 153 -1.13 6.02 -10.27
CA VAL A 153 0.16 6.74 -10.30
C VAL A 153 -0.06 8.11 -9.65
N HIS A 154 0.74 8.44 -8.64
CA HIS A 154 0.85 9.79 -8.03
C HIS A 154 2.00 10.57 -8.69
N PHE A 155 1.71 11.79 -9.11
CA PHE A 155 2.67 12.70 -9.79
C PHE A 155 3.27 13.73 -8.82
N SER A 156 4.44 14.26 -9.20
CA SER A 156 5.23 15.32 -8.51
C SER A 156 4.39 16.54 -8.14
N ASP A 157 3.40 16.89 -8.92
CA ASP A 157 2.53 18.08 -8.69
C ASP A 157 1.33 17.75 -7.80
N GLY A 158 1.18 16.52 -7.28
CA GLY A 158 0.01 16.17 -6.43
C GLY A 158 -1.22 15.66 -7.19
N THR A 159 -1.18 15.51 -8.50
CA THR A 159 -2.29 14.89 -9.28
C THR A 159 -2.04 13.38 -9.34
N SER A 160 -3.09 12.63 -9.69
CA SER A 160 -3.04 11.16 -9.86
C SER A 160 -3.71 10.77 -11.17
N GLU A 161 -3.40 9.61 -11.70
CA GLU A 161 -4.16 9.02 -12.81
C GLU A 161 -4.12 7.51 -12.62
N THR A 162 -5.24 6.82 -12.91
CA THR A 162 -5.40 5.35 -12.87
C THR A 162 -5.13 4.79 -14.25
N PHE A 163 -4.24 3.79 -14.32
CA PHE A 163 -4.00 2.93 -15.49
C PHE A 163 -4.42 1.51 -15.14
N VAL A 164 -4.90 0.79 -16.14
CA VAL A 164 -5.61 -0.51 -15.96
C VAL A 164 -5.10 -1.51 -16.97
N THR A 165 -5.27 -2.79 -16.66
CA THR A 165 -5.15 -3.91 -17.64
C THR A 165 -6.23 -3.74 -18.73
N ASP A 166 -5.86 -3.91 -19.99
CA ASP A 166 -6.80 -3.87 -21.15
C ASP A 166 -6.09 -4.42 -22.38
N GLU A 167 -6.73 -4.25 -23.54
CA GLU A 167 -6.33 -4.74 -24.91
C GLU A 167 -4.97 -4.15 -25.34
N SER A 168 -4.54 -3.02 -24.78
CA SER A 168 -3.28 -2.32 -25.12
C SER A 168 -2.09 -3.00 -24.43
N TRP A 169 -2.28 -3.92 -23.48
CA TRP A 169 -1.14 -4.67 -22.90
C TRP A 169 -0.69 -5.71 -23.92
N LYS A 170 0.55 -6.16 -23.84
CA LYS A 170 1.14 -7.20 -24.71
C LYS A 170 1.22 -8.52 -23.93
N THR A 171 1.12 -9.63 -24.64
CA THR A 171 1.15 -11.00 -24.11
C THR A 171 1.81 -11.92 -25.15
N LEU A 172 1.90 -13.23 -24.85
CA LEU A 172 2.33 -14.31 -25.79
C LEU A 172 1.41 -15.50 -25.55
N ARG A 173 1.20 -16.32 -26.56
CA ARG A 173 0.45 -17.60 -26.50
C ARG A 173 1.45 -18.69 -26.12
N ALA A 174 2.32 -18.43 -25.15
CA ALA A 174 3.39 -19.36 -24.71
C ALA A 174 3.86 -18.97 -23.31
N ALA A 175 4.56 -19.88 -22.63
CA ALA A 175 5.20 -19.62 -21.32
C ALA A 175 6.09 -18.38 -21.45
N PRO A 176 6.20 -17.57 -20.38
CA PRO A 176 7.00 -16.34 -20.44
C PRO A 176 8.47 -16.63 -20.79
N PRO A 177 9.11 -15.95 -21.77
CA PRO A 177 10.55 -16.07 -21.98
C PRO A 177 11.37 -15.68 -20.73
N GLU A 178 12.59 -16.21 -20.59
CA GLU A 178 13.55 -15.78 -19.53
C GLU A 178 13.63 -14.25 -19.63
N ASN A 179 13.49 -13.57 -18.49
CA ASN A 179 13.62 -12.09 -18.40
C ASN A 179 12.53 -11.38 -19.22
N PHE A 180 11.32 -11.96 -19.36
CA PHE A 180 10.18 -11.29 -20.04
C PHE A 180 9.86 -9.96 -19.34
N GLN A 181 10.16 -9.85 -18.05
CA GLN A 181 9.77 -8.69 -17.24
C GLN A 181 10.79 -7.54 -17.28
N LEU A 182 12.00 -7.70 -17.85
CA LEU A 182 13.03 -6.63 -17.80
C LEU A 182 12.71 -5.64 -18.92
N PRO A 183 12.96 -4.32 -18.73
CA PRO A 183 12.79 -3.33 -19.81
C PRO A 183 13.60 -3.61 -21.09
N SER A 184 14.73 -4.29 -20.92
CA SER A 184 15.66 -4.66 -22.00
C SER A 184 15.00 -5.65 -22.99
N THR A 185 13.92 -6.38 -22.65
CA THR A 185 13.16 -7.25 -23.61
C THR A 185 12.35 -6.38 -24.58
N ASN A 186 12.32 -6.74 -25.88
CA ASN A 186 11.59 -6.07 -27.01
C ASN A 186 10.25 -6.80 -27.08
N ASP A 187 9.14 -6.11 -26.81
CA ASP A 187 7.76 -6.70 -26.84
C ASP A 187 7.03 -6.23 -28.11
N SER A 188 7.77 -5.85 -29.15
CA SER A 188 7.25 -5.12 -30.34
C SER A 188 6.37 -6.01 -31.22
N ASN A 189 6.77 -7.26 -31.40
CA ASN A 189 5.98 -8.22 -32.21
C ASN A 189 5.24 -9.18 -31.25
N TRP A 190 5.04 -8.84 -29.98
CA TRP A 190 4.08 -9.60 -29.12
C TRP A 190 2.66 -9.27 -29.56
N PRO A 191 1.69 -10.20 -29.58
CA PRO A 191 0.28 -9.83 -29.71
C PRO A 191 -0.29 -9.06 -28.51
N SER A 192 -1.37 -8.35 -28.83
CA SER A 192 -2.31 -7.69 -27.92
C SER A 192 -2.95 -8.71 -26.96
N ALA A 193 -3.22 -8.29 -25.73
CA ALA A 193 -3.93 -9.14 -24.74
C ALA A 193 -5.40 -9.18 -25.16
N ALA A 194 -6.15 -10.23 -24.81
CA ALA A 194 -7.57 -10.34 -25.12
C ALA A 194 -8.38 -10.08 -23.84
N VAL A 195 -9.33 -9.15 -23.91
CA VAL A 195 -10.19 -8.82 -22.74
C VAL A 195 -11.09 -10.01 -22.42
N GLN A 196 -11.19 -10.44 -21.15
CA GLN A 196 -12.00 -11.60 -20.71
C GLN A 196 -13.29 -11.10 -20.07
N GLY A 197 -13.39 -9.82 -19.79
CA GLY A 197 -14.48 -9.33 -18.95
C GLY A 197 -14.13 -7.97 -18.42
N ALA A 198 -15.13 -7.24 -17.93
CA ALA A 198 -14.97 -5.94 -17.24
C ALA A 198 -15.30 -6.11 -15.76
N TYR A 199 -15.20 -5.03 -14.99
CA TYR A 199 -15.45 -5.09 -13.53
C TYR A 199 -16.88 -5.62 -13.22
N GLN A 200 -17.91 -5.08 -13.85
CA GLN A 200 -19.35 -5.44 -13.58
C GLN A 200 -19.70 -6.70 -14.38
N ASN A 201 -19.28 -6.74 -15.64
CA ASN A 201 -19.64 -7.79 -16.61
C ASN A 201 -18.51 -8.81 -16.84
N SER A 202 -18.44 -9.86 -16.03
CA SER A 202 -17.41 -10.94 -16.19
C SER A 202 -17.88 -12.19 -15.46
N VAL A 203 -17.23 -13.30 -15.75
CA VAL A 203 -17.49 -14.57 -15.06
C VAL A 203 -17.16 -14.42 -13.58
N TRP A 204 -16.23 -13.53 -13.27
CA TRP A 204 -15.72 -13.38 -11.89
C TRP A 204 -16.62 -12.51 -11.04
N GLY A 205 -17.40 -11.57 -11.58
CA GLY A 205 -17.99 -10.51 -10.74
C GLY A 205 -16.91 -9.59 -10.14
N PRO A 206 -17.36 -8.51 -9.48
CA PRO A 206 -16.46 -7.44 -9.02
C PRO A 206 -15.62 -7.82 -7.82
N PRO A 207 -14.27 -7.88 -7.90
CA PRO A 207 -13.47 -8.14 -6.71
C PRO A 207 -13.61 -7.05 -5.62
N VAL A 208 -13.68 -7.49 -4.38
CA VAL A 208 -13.66 -6.62 -3.18
C VAL A 208 -12.25 -6.03 -3.06
N LEU A 209 -12.16 -4.74 -2.82
CA LEU A 209 -10.88 -4.08 -2.53
C LEU A 209 -10.36 -4.59 -1.19
N PRO A 210 -9.05 -4.88 -1.04
CA PRO A 210 -8.49 -5.21 0.26
C PRO A 210 -8.39 -3.94 1.10
N PRO A 211 -8.13 -4.09 2.41
CA PRO A 211 -7.72 -2.97 3.24
C PRO A 211 -6.43 -2.33 2.68
N VAL A 212 -6.30 -1.01 2.79
CA VAL A 212 -5.10 -0.27 2.31
C VAL A 212 -3.84 -0.92 2.90
N LEU A 213 -3.88 -1.24 4.19
CA LEU A 213 -2.80 -1.85 5.00
C LEU A 213 -3.46 -2.71 6.07
N PRO A 214 -2.82 -3.83 6.48
CA PRO A 214 -3.32 -4.64 7.60
C PRO A 214 -3.03 -3.97 8.96
N LEU A 215 -3.95 -4.08 9.92
CA LEU A 215 -3.70 -3.82 11.37
C LEU A 215 -3.24 -5.10 12.05
N ARG A 216 -3.58 -6.28 11.53
CA ARG A 216 -3.06 -7.59 12.01
C ARG A 216 -1.54 -7.46 11.92
N GLY A 217 -0.76 -7.79 12.95
CA GLY A 217 0.69 -7.47 12.82
C GLY A 217 1.12 -6.21 13.59
N SER A 218 0.22 -5.25 13.88
CA SER A 218 0.47 -4.05 14.71
C SER A 218 -0.06 -4.26 16.13
N ASN A 219 0.28 -3.34 17.02
CA ASN A 219 -0.05 -3.41 18.46
C ASN A 219 -0.67 -2.10 18.87
N TRP A 220 -1.68 -2.18 19.71
CA TRP A 220 -2.11 -1.00 20.49
C TRP A 220 -0.97 -0.70 21.44
N ILE A 221 -0.48 0.54 21.48
CA ILE A 221 0.61 0.93 22.42
C ILE A 221 0.13 2.09 23.27
N TRP A 222 0.78 2.26 24.42
CA TRP A 222 0.58 3.48 25.24
C TRP A 222 1.84 3.69 26.10
N THR A 223 1.80 4.74 26.92
CA THR A 223 2.71 4.94 28.07
C THR A 223 2.37 3.89 29.11
N SER A 224 3.34 3.58 29.98
CA SER A 224 3.34 2.43 30.91
C SER A 224 2.48 2.73 32.16
N ASP A 225 1.85 3.92 32.24
CA ASP A 225 0.73 4.25 33.16
C ASP A 225 -0.62 3.59 32.75
N ASN A 226 -0.68 2.86 31.62
CA ASN A 226 -1.85 2.06 31.16
C ASN A 226 -1.71 0.67 31.78
N VAL A 227 -2.47 0.43 32.85
CA VAL A 227 -2.50 -0.84 33.66
C VAL A 227 -3.97 -1.13 34.00
N ASN A 228 -4.32 -2.42 34.16
CA ASN A 228 -5.65 -2.98 34.60
C ASN A 228 -6.76 -2.51 33.65
N GLY A 229 -6.45 -2.34 32.36
CA GLY A 229 -7.39 -2.03 31.25
C GLY A 229 -7.84 -0.56 31.22
N ALA A 230 -7.14 0.35 31.88
CA ALA A 230 -7.47 1.79 31.83
C ALA A 230 -6.18 2.62 31.92
N ALA A 231 -6.26 3.89 31.52
CA ALA A 231 -5.10 4.80 31.61
C ALA A 231 -5.60 6.14 32.07
N PRO A 232 -4.74 7.00 32.65
CA PRO A 232 -5.19 8.32 33.10
C PRO A 232 -5.75 9.13 31.92
N VAL A 233 -6.61 10.09 32.23
CA VAL A 233 -7.04 11.16 31.28
C VAL A 233 -5.78 11.95 30.93
N GLY A 234 -5.58 12.32 29.67
CA GLY A 234 -4.45 13.18 29.27
C GLY A 234 -3.84 12.82 27.94
N SER A 235 -2.93 13.67 27.47
CA SER A 235 -2.19 13.48 26.22
C SER A 235 -0.86 12.76 26.45
N ARG A 236 -0.42 11.97 25.49
CA ARG A 236 0.83 11.18 25.53
C ARG A 236 1.44 11.24 24.14
N ALA A 237 2.76 11.19 24.01
CA ALA A 237 3.40 11.31 22.70
C ALA A 237 4.19 10.05 22.41
N PHE A 238 4.27 9.75 21.09
CA PHE A 238 4.98 8.58 20.54
C PHE A 238 5.81 9.03 19.34
N ARG A 239 6.95 8.38 19.17
CA ARG A 239 7.97 8.70 18.14
C ARG A 239 8.52 7.41 17.57
N LYS A 240 8.67 7.42 16.25
CA LYS A 240 9.39 6.36 15.53
C LYS A 240 10.16 7.02 14.39
N THR A 241 11.45 6.66 14.29
CA THR A 241 12.38 7.14 13.25
C THR A 241 12.73 5.98 12.33
N VAL A 242 12.69 6.22 11.03
CA VAL A 242 13.22 5.25 10.04
C VAL A 242 14.37 5.96 9.34
N ASN A 243 15.48 5.27 9.20
CA ASN A 243 16.71 5.91 8.68
C ASN A 243 17.56 4.83 8.06
N GLN A 244 17.31 4.50 6.79
CA GLN A 244 18.16 3.57 6.00
C GLN A 244 19.09 4.46 5.16
N CYS A 245 20.30 4.75 5.64
CA CYS A 245 21.14 5.85 5.05
C CYS A 245 21.72 5.41 3.70
N THR A 246 21.67 4.13 3.31
CA THR A 246 22.12 3.66 1.97
C THR A 246 20.95 3.41 0.99
N LYS A 247 19.73 3.90 1.25
CA LYS A 247 18.59 3.72 0.32
C LYS A 247 17.94 5.07 0.11
N VAL A 248 17.05 5.16 -0.88
CA VAL A 248 16.31 6.43 -1.16
C VAL A 248 14.84 6.11 -0.95
N ALA A 249 14.27 6.68 0.11
CA ALA A 249 12.85 6.59 0.51
C ALA A 249 12.08 7.58 -0.35
N VAL A 250 10.87 7.20 -0.77
CA VAL A 250 10.06 7.99 -1.72
C VAL A 250 8.73 8.37 -1.10
N CYS A 251 7.86 7.40 -0.82
CA CYS A 251 6.45 7.62 -0.38
C CYS A 251 6.23 6.77 0.86
N ALA A 252 5.39 7.25 1.77
CA ALA A 252 4.83 6.44 2.85
C ALA A 252 3.29 6.45 2.79
N THR A 253 2.71 5.33 3.22
CA THR A 253 1.27 5.20 3.41
C THR A 253 1.11 4.87 4.88
N VAL A 254 0.22 5.58 5.55
CA VAL A 254 0.03 5.43 7.02
C VAL A 254 -1.43 5.09 7.27
N LEU A 255 -1.65 4.08 8.10
CA LEU A 255 -2.96 3.67 8.65
C LEU A 255 -2.90 3.80 10.18
N ILE A 256 -3.81 4.57 10.74
CA ILE A 256 -3.73 4.93 12.18
C ILE A 256 -5.14 5.05 12.78
N ALA A 257 -5.24 4.70 14.05
CA ALA A 257 -6.45 4.87 14.88
C ALA A 257 -6.00 5.05 16.33
N ALA A 258 -6.80 5.72 17.12
CA ALA A 258 -6.47 5.95 18.54
C ALA A 258 -7.75 5.94 19.38
N ASP A 259 -7.62 5.37 20.57
CA ASP A 259 -8.60 5.53 21.65
C ASP A 259 -8.12 6.63 22.63
N ASP A 260 -8.36 7.86 22.19
CA ASP A 260 -9.67 8.50 21.98
C ASP A 260 -9.51 9.30 20.69
N ARG A 261 -8.28 9.79 20.43
CA ARG A 261 -7.97 10.96 19.55
C ARG A 261 -6.45 10.97 19.29
N TYR A 262 -6.00 11.40 18.12
CA TYR A 262 -4.55 11.55 17.81
C TYR A 262 -4.39 12.74 16.89
N THR A 263 -3.19 13.28 16.87
CA THR A 263 -2.62 14.07 15.76
C THR A 263 -1.30 13.43 15.38
N LEU A 264 -1.05 13.37 14.08
CA LEU A 264 0.07 12.66 13.43
C LEU A 264 0.91 13.70 12.71
N TYR A 265 2.24 13.56 12.85
CA TYR A 265 3.31 14.47 12.34
C TYR A 265 4.37 13.62 11.66
N VAL A 266 4.86 14.06 10.52
CA VAL A 266 6.02 13.47 9.78
C VAL A 266 7.01 14.60 9.56
N ASN A 267 8.22 14.43 10.10
CA ASN A 267 9.34 15.41 10.02
C ASN A 267 8.86 16.76 10.53
N GLY A 268 8.01 16.78 11.56
CA GLY A 268 7.49 17.99 12.20
C GLY A 268 6.26 18.57 11.55
N ALA A 269 5.88 18.16 10.34
CA ALA A 269 4.70 18.72 9.63
C ALA A 269 3.44 17.89 9.98
N THR A 270 2.34 18.58 10.23
CA THR A 270 1.00 18.01 10.52
C THR A 270 0.56 17.20 9.32
N VAL A 271 0.22 15.91 9.49
CA VAL A 271 -0.38 15.07 8.42
C VAL A 271 -1.92 15.05 8.60
N GLY A 272 -2.40 14.81 9.80
CA GLY A 272 -3.85 14.78 10.05
C GLY A 272 -4.16 14.40 11.47
N SER A 273 -5.44 14.26 11.80
CA SER A 273 -5.88 13.83 13.15
C SER A 273 -7.24 13.11 13.04
N GLY A 274 -7.60 12.32 14.04
CA GLY A 274 -8.87 11.60 14.06
C GLY A 274 -9.30 11.47 15.50
N SER A 275 -10.52 11.00 15.72
CA SER A 275 -11.19 10.88 17.03
C SER A 275 -12.05 9.61 17.09
N SER A 276 -11.70 8.61 16.32
CA SER A 276 -12.43 7.32 16.26
C SER A 276 -11.46 6.16 16.49
N TYR A 277 -11.84 5.25 17.38
CA TYR A 277 -11.17 3.95 17.58
C TYR A 277 -11.95 2.82 16.88
N THR A 278 -12.97 3.13 16.07
CA THR A 278 -13.72 2.12 15.28
C THR A 278 -13.57 2.37 13.76
N VAL A 279 -13.17 3.59 13.33
CA VAL A 279 -12.87 3.93 11.91
C VAL A 279 -11.47 4.52 11.83
N ALA A 280 -10.56 3.80 11.16
CA ALA A 280 -9.15 4.18 10.97
C ALA A 280 -9.01 5.18 9.82
N ASP A 281 -7.96 6.00 9.88
CA ASP A 281 -7.60 7.02 8.86
C ASP A 281 -6.35 6.54 8.12
N ALA A 282 -6.32 6.78 6.82
CA ALA A 282 -5.18 6.42 5.96
C ALA A 282 -4.66 7.70 5.31
N TYR A 283 -3.34 7.84 5.27
CA TYR A 283 -2.68 9.03 4.70
C TYR A 283 -1.59 8.60 3.73
N THR A 284 -1.37 9.48 2.75
CA THR A 284 -0.24 9.39 1.80
C THR A 284 0.71 10.53 2.12
N ILE A 285 1.98 10.21 2.18
CA ILE A 285 3.09 11.20 2.32
C ILE A 285 3.94 11.03 1.07
N PRO A 286 3.73 11.90 0.07
CA PRO A 286 4.39 11.75 -1.23
C PRO A 286 5.80 12.40 -1.27
N ASN A 287 6.18 13.15 -0.22
CA ASN A 287 7.35 14.07 -0.18
C ASN A 287 8.29 13.65 0.95
N LEU A 288 8.51 12.36 1.10
CA LEU A 288 9.40 11.85 2.18
C LEU A 288 10.81 12.47 2.01
N HIS A 289 11.53 12.68 3.10
CA HIS A 289 13.00 12.86 3.07
C HIS A 289 13.63 11.55 2.58
N PRO A 290 14.68 11.63 1.74
CA PRO A 290 15.28 10.44 1.16
C PRO A 290 15.87 9.41 2.12
N THR A 291 16.35 9.82 3.30
CA THR A 291 17.12 8.87 4.16
C THR A 291 16.57 8.81 5.59
N PHE A 292 15.95 9.89 6.09
CA PHE A 292 15.65 10.04 7.52
C PHE A 292 14.23 10.55 7.69
N ASN A 293 13.33 9.75 8.31
CA ASN A 293 11.96 10.26 8.54
C ASN A 293 11.48 9.89 9.93
N THR A 294 10.86 10.86 10.59
CA THR A 294 10.33 10.75 11.97
C THR A 294 8.80 10.93 12.00
N PHE A 295 8.11 9.89 12.48
CA PHE A 295 6.65 9.89 12.70
C PHE A 295 6.44 10.16 14.18
N ALA A 296 5.62 11.15 14.50
CA ALA A 296 5.28 11.51 15.89
C ALA A 296 3.75 11.61 16.04
N ILE A 297 3.24 11.18 17.19
CA ILE A 297 1.80 11.14 17.51
C ILE A 297 1.59 11.79 18.88
N ASN A 298 0.72 12.79 18.95
CA ASN A 298 0.06 13.22 20.20
C ASN A 298 -1.29 12.48 20.26
N ALA A 299 -1.45 11.50 21.13
CA ALA A 299 -2.73 10.77 21.34
C ALA A 299 -3.28 11.12 22.72
N THR A 300 -4.60 11.29 22.81
CA THR A 300 -5.30 11.76 24.04
C THR A 300 -6.31 10.71 24.50
N ASN A 301 -6.28 10.37 25.79
CA ASN A 301 -7.33 9.59 26.49
C ASN A 301 -8.34 10.54 27.16
N GLY A 302 -9.61 10.44 26.75
CA GLY A 302 -10.75 11.11 27.38
C GLY A 302 -11.22 10.39 28.65
N GLY A 303 -10.77 9.17 28.91
CA GLY A 303 -11.18 8.35 30.07
C GLY A 303 -11.32 6.89 29.69
N GLY A 304 -10.99 5.98 30.61
CA GLY A 304 -11.10 4.54 30.41
C GLY A 304 -9.88 3.99 29.68
N PRO A 305 -10.02 2.88 28.91
CA PRO A 305 -8.93 2.31 28.12
C PRO A 305 -8.37 3.35 27.13
N ALA A 306 -7.15 3.11 26.70
CA ALA A 306 -6.46 4.00 25.75
C ALA A 306 -5.46 3.21 24.92
N GLY A 307 -5.22 3.68 23.72
CA GLY A 307 -4.16 3.05 22.90
C GLY A 307 -4.05 3.73 21.56
N VAL A 308 -2.91 3.52 20.92
CA VAL A 308 -2.72 4.00 19.53
C VAL A 308 -2.14 2.85 18.74
N ILE A 309 -2.61 2.71 17.50
CA ILE A 309 -2.19 1.59 16.61
C ILE A 309 -1.95 2.17 15.23
N ALA A 310 -0.88 1.74 14.59
CA ALA A 310 -0.59 2.22 13.22
C ALA A 310 0.26 1.20 12.47
N THR A 311 0.11 1.24 11.16
CA THR A 311 0.91 0.47 10.19
C THR A 311 1.39 1.51 9.20
N ILE A 312 2.68 1.47 8.87
CA ILE A 312 3.32 2.43 7.93
C ILE A 312 4.05 1.61 6.86
N LEU A 313 3.80 1.90 5.60
CA LEU A 313 4.58 1.27 4.52
C LEU A 313 5.42 2.35 3.82
N ILE A 314 6.72 2.13 3.71
CA ILE A 314 7.64 3.08 3.04
C ILE A 314 8.15 2.41 1.77
N THR A 315 8.03 3.12 0.65
CA THR A 315 8.56 2.68 -0.67
C THR A 315 9.97 3.25 -0.89
N TYR A 316 10.82 2.43 -1.45
CA TYR A 316 12.22 2.78 -1.78
C TYR A 316 12.39 2.74 -3.31
N SER A 317 13.28 3.58 -3.86
CA SER A 317 13.53 3.79 -5.32
C SER A 317 14.03 2.50 -5.98
N ASP A 318 14.63 1.54 -5.26
CA ASP A 318 15.02 0.23 -5.85
C ASP A 318 13.82 -0.74 -5.98
N GLY A 319 12.57 -0.32 -5.70
CA GLY A 319 11.37 -1.16 -5.77
C GLY A 319 11.07 -1.98 -4.51
N SER A 320 11.95 -1.92 -3.52
CA SER A 320 11.73 -2.54 -2.18
C SER A 320 10.86 -1.60 -1.31
N ASN A 321 10.45 -2.12 -0.17
CA ASN A 321 9.56 -1.42 0.77
C ASN A 321 9.94 -1.89 2.18
N GLU A 322 9.42 -1.21 3.17
CA GLU A 322 9.61 -1.59 4.58
C GLU A 322 8.26 -1.34 5.25
N THR A 323 7.85 -2.26 6.13
CA THR A 323 6.66 -2.05 7.00
C THR A 323 7.12 -1.73 8.42
N VAL A 324 6.55 -0.71 9.02
CA VAL A 324 6.75 -0.32 10.43
C VAL A 324 5.39 -0.41 11.12
N VAL A 325 5.34 -1.00 12.30
CA VAL A 325 4.11 -1.06 13.13
C VAL A 325 4.38 -0.48 14.52
N THR A 326 3.34 0.07 15.15
CA THR A 326 3.31 0.38 16.58
C THR A 326 3.74 -0.87 17.34
N ASP A 327 4.74 -0.71 18.20
CA ASP A 327 5.38 -1.77 19.01
C ASP A 327 6.31 -1.10 20.04
N ALA A 328 7.17 -1.90 20.66
CA ALA A 328 7.98 -1.48 21.84
C ALA A 328 9.25 -0.71 21.38
N SER A 329 9.54 -0.67 20.07
CA SER A 329 10.65 0.10 19.46
C SER A 329 10.25 1.56 19.31
N TRP A 330 8.97 1.90 19.50
CA TRP A 330 8.55 3.32 19.56
C TRP A 330 8.94 3.88 20.92
N LYS A 331 9.10 5.18 21.01
CA LYS A 331 9.40 5.87 22.28
C LYS A 331 8.12 6.60 22.64
N ALA A 332 7.92 6.80 23.94
CA ALA A 332 6.67 7.36 24.48
C ALA A 332 7.03 8.23 25.67
N ILE A 333 6.20 9.21 25.98
CA ILE A 333 6.44 10.04 27.18
C ILE A 333 5.09 10.50 27.73
N GLN A 334 5.02 10.69 29.04
CA GLN A 334 3.73 10.99 29.74
C GLN A 334 3.49 12.50 29.78
N THR A 335 4.53 13.31 29.91
CA THR A 335 4.40 14.78 29.79
C THR A 335 5.03 15.18 28.47
N ILE A 336 4.24 15.74 27.60
CA ILE A 336 4.67 16.04 26.20
C ILE A 336 5.52 17.30 26.24
N PRO A 337 6.82 17.25 25.92
CA PRO A 337 7.65 18.45 25.83
C PRO A 337 7.30 19.31 24.60
N GLN A 338 7.58 20.63 24.62
CA GLN A 338 7.64 21.51 23.40
C GLN A 338 8.58 20.87 22.38
N GLY A 339 8.16 20.83 21.13
CA GLY A 339 8.95 20.23 20.04
C GLY A 339 9.01 18.70 20.09
N PHE A 340 8.04 17.98 20.71
CA PHE A 340 7.95 16.48 20.71
C PHE A 340 7.95 15.95 19.28
N GLN A 341 7.46 16.76 18.33
CA GLN A 341 7.41 16.44 16.88
C GLN A 341 8.67 16.77 16.05
N PRO A 342 9.55 17.83 16.22
CA PRO A 342 10.74 17.99 15.37
C PRO A 342 11.54 16.72 15.29
N PRO A 343 12.10 16.42 14.10
CA PRO A 343 12.84 15.18 13.90
C PRO A 343 14.05 14.90 14.81
N LEU A 344 14.81 15.89 15.24
CA LEU A 344 16.13 15.54 15.85
C LEU A 344 16.22 15.94 17.32
N ILE A 345 15.12 15.98 18.08
CA ILE A 345 15.16 16.26 19.54
C ILE A 345 15.90 15.16 20.29
N ASP A 346 16.29 15.50 21.51
CA ASP A 346 16.86 14.58 22.52
C ASP A 346 15.73 13.70 23.07
N GLU A 347 15.89 12.38 22.96
CA GLU A 347 14.90 11.36 23.39
C GLU A 347 15.21 10.86 24.81
N PHE A 348 16.07 11.55 25.56
CA PHE A 348 16.40 11.22 26.97
C PHE A 348 15.11 11.42 27.79
N GLY A 349 14.76 10.43 28.63
CA GLY A 349 13.51 10.48 29.42
C GLY A 349 12.22 10.25 28.61
N TRP A 350 12.33 9.71 27.39
CA TRP A 350 11.27 8.92 26.69
C TRP A 350 11.49 7.46 27.08
N GLU A 351 10.44 6.72 27.39
CA GLU A 351 10.47 5.24 27.66
C GLU A 351 10.17 4.50 26.34
N SER A 352 10.58 3.24 26.22
CA SER A 352 9.93 2.26 25.34
C SER A 352 8.41 2.33 25.49
N ALA A 353 7.65 2.36 24.42
CA ALA A 353 6.19 2.35 24.51
C ALA A 353 5.75 0.98 25.05
N LYS A 354 4.62 0.96 25.76
CA LYS A 354 4.06 -0.31 26.29
C LYS A 354 3.13 -0.93 25.24
N ILE A 355 3.32 -2.21 24.92
CA ILE A 355 2.34 -3.02 24.15
C ILE A 355 1.14 -3.29 25.06
N ILE A 356 -0.01 -2.68 24.79
CA ILE A 356 -1.30 -3.03 25.43
C ILE A 356 -1.76 -4.40 24.91
N GLY A 357 -1.77 -4.61 23.59
CA GLY A 357 -1.93 -5.94 22.98
C GLY A 357 -1.85 -5.86 21.46
N ALA A 358 -1.65 -7.00 20.81
CA ALA A 358 -1.72 -7.15 19.35
C ALA A 358 -3.14 -6.72 18.93
N PHE A 359 -3.25 -6.23 17.70
CA PHE A 359 -4.55 -5.88 17.10
C PHE A 359 -5.45 -7.08 17.29
N GLY A 360 -6.68 -6.86 17.73
CA GLY A 360 -7.64 -7.95 18.04
C GLY A 360 -8.06 -7.92 19.49
N VAL A 361 -7.19 -7.55 20.41
CA VAL A 361 -7.49 -7.66 21.86
C VAL A 361 -8.71 -6.80 22.17
N ALA A 362 -9.45 -7.26 23.17
CA ALA A 362 -10.42 -6.43 23.94
C ALA A 362 -9.67 -5.23 24.49
N PRO A 363 -10.33 -4.10 24.68
CA PRO A 363 -11.75 -3.98 24.38
C PRO A 363 -12.13 -3.67 22.93
N TRP A 364 -11.18 -3.37 22.07
CA TRP A 364 -11.48 -2.80 20.74
C TRP A 364 -11.84 -3.92 19.76
N GLY A 365 -11.23 -5.11 19.82
CA GLY A 365 -11.60 -6.21 18.92
C GLY A 365 -11.00 -6.04 17.53
N ALA A 366 -11.54 -6.80 16.56
CA ALA A 366 -10.98 -7.03 15.21
C ALA A 366 -11.78 -6.27 14.13
N GLY A 367 -12.78 -5.48 14.51
CA GLY A 367 -13.79 -4.94 13.57
C GLY A 367 -13.49 -3.54 13.04
N MET A 368 -12.32 -2.95 13.36
CA MET A 368 -11.92 -1.62 12.82
C MET A 368 -12.30 -1.53 11.33
N VAL A 369 -13.04 -0.51 10.91
CA VAL A 369 -13.21 -0.12 9.49
C VAL A 369 -11.90 0.50 8.96
N ILE A 370 -11.35 -0.11 7.93
CA ILE A 370 -10.07 0.25 7.27
C ILE A 370 -10.42 0.74 5.88
N PRO A 371 -9.99 1.95 5.43
CA PRO A 371 -10.17 2.36 4.05
C PRO A 371 -9.67 1.28 3.08
N SER A 372 -10.31 1.20 1.92
CA SER A 372 -9.95 0.33 0.76
C SER A 372 -8.62 0.81 0.13
N ALA A 373 -7.79 -0.11 -0.36
CA ALA A 373 -6.56 0.14 -1.14
C ALA A 373 -6.77 0.89 -2.50
#